data_4ZY9
#
_entry.id   4ZY9
#
_cell.length_a   28.233
_cell.length_b   65.329
_cell.length_c   69.887
_cell.angle_alpha   90.00
_cell.angle_beta   97.21
_cell.angle_gamma   90.00
#
_symmetry.space_group_name_H-M   'P 1 21 1'
#
loop_
_entity.id
_entity.type
_entity.pdbx_description
1 polymer Glucanase/chitosanase
2 water water
#
_entity_poly.entity_id   1
_entity_poly.type   'polypeptide(L)'
_entity_poly.pdbx_seq_one_letter_code
;(MSE)HHHHHHNLALNKTATASSIEGAGFEASRAFDGSSTTRWASAEGVDPQWIYVNLGSSQTVNRVKLNWEAAYASSYT
IQVSNDSGTPTNWTTVYTTTTGDGGIDDITFTARTAKYVR(MSE)HGTVRGTPYGYSLWEFEVYG
;
_entity_poly.pdbx_strand_id   A,B
#
# COMPACT_ATOMS: atom_id res chain seq x y z
N HIS A 5 14.57 -20.55 -24.51
CA HIS A 5 15.47 -19.38 -24.57
C HIS A 5 15.27 -18.31 -23.47
N HIS A 6 14.22 -18.49 -22.69
CA HIS A 6 13.93 -17.57 -21.59
C HIS A 6 13.79 -16.09 -22.09
N HIS A 7 12.90 -15.92 -23.08
CA HIS A 7 12.61 -14.59 -23.60
C HIS A 7 11.68 -13.82 -22.65
N ASN A 8 11.55 -12.54 -22.96
CA ASN A 8 10.60 -11.61 -22.27
C ASN A 8 9.17 -11.97 -22.57
N LEU A 9 8.49 -12.58 -21.63
CA LEU A 9 7.13 -13.10 -21.83
C LEU A 9 6.10 -12.02 -21.91
N ALA A 10 6.48 -10.81 -21.51
CA ALA A 10 5.53 -9.70 -21.44
C ALA A 10 5.51 -8.81 -22.65
N LEU A 11 6.44 -9.06 -23.60
CA LEU A 11 6.54 -8.14 -24.76
C LEU A 11 5.26 -8.06 -25.56
N ASN A 12 4.79 -6.86 -25.77
CA ASN A 12 3.62 -6.65 -26.62
CA ASN A 12 3.59 -6.50 -26.53
C ASN A 12 2.32 -7.16 -26.01
N LYS A 13 2.29 -7.52 -24.71
CA LYS A 13 1.11 -8.05 -24.08
CA LYS A 13 1.13 -8.07 -24.08
C LYS A 13 0.29 -6.90 -23.52
N THR A 14 -0.99 -7.18 -23.26
CA THR A 14 -1.91 -6.10 -22.79
C THR A 14 -1.61 -5.76 -21.31
N ALA A 15 -1.58 -4.49 -21.09
CA ALA A 15 -1.24 -3.97 -19.79
C ALA A 15 -2.34 -3.09 -19.19
N THR A 16 -2.43 -3.00 -17.91
CA THR A 16 -3.44 -2.28 -17.15
C THR A 16 -2.77 -1.50 -16.07
N ALA A 17 -3.10 -0.30 -15.79
CA ALA A 17 -2.52 0.49 -14.71
C ALA A 17 -3.53 1.14 -13.86
N SER A 18 -3.22 1.54 -12.70
CA SER A 18 -4.11 2.27 -11.86
C SER A 18 -4.43 3.66 -12.45
N SER A 19 -3.59 4.31 -13.16
CA SER A 19 -3.83 5.61 -13.75
C SER A 19 -2.77 5.82 -14.83
N ILE A 20 -2.98 6.81 -15.68
CA ILE A 20 -1.98 7.24 -16.61
C ILE A 20 -1.91 8.76 -16.55
N GLU A 21 -0.80 9.33 -16.88
CA GLU A 21 -0.60 10.75 -16.85
C GLU A 21 -1.45 11.41 -17.93
N GLY A 22 -1.59 10.80 -19.07
CA GLY A 22 -2.33 11.36 -20.26
C GLY A 22 -2.04 10.45 -21.40
N ALA A 23 -2.59 10.81 -22.56
CA ALA A 23 -2.25 10.21 -23.78
C ALA A 23 -0.78 10.23 -24.08
N GLY A 24 -0.30 9.10 -24.49
CA GLY A 24 1.04 8.91 -24.76
C GLY A 24 1.83 8.22 -23.60
N PHE A 25 1.17 7.98 -22.48
CA PHE A 25 1.80 7.38 -21.26
C PHE A 25 1.01 6.19 -20.82
N GLU A 26 0.37 5.54 -21.76
CA GLU A 26 -0.46 4.37 -21.49
C GLU A 26 0.38 3.22 -20.88
N ALA A 27 -0.30 2.38 -20.14
CA ALA A 27 0.36 1.20 -19.52
C ALA A 27 1.10 0.37 -20.55
N SER A 28 0.53 0.23 -21.74
CA SER A 28 1.15 -0.52 -22.81
C SER A 28 2.57 -0.10 -23.13
N ARG A 29 2.91 1.14 -22.94
CA ARG A 29 4.20 1.63 -23.33
C ARG A 29 5.32 1.05 -22.54
N ALA A 30 5.04 0.51 -21.34
CA ALA A 30 6.13 -0.22 -20.59
C ALA A 30 6.41 -1.55 -21.21
N PHE A 31 5.60 -2.08 -22.13
CA PHE A 31 5.69 -3.44 -22.66
C PHE A 31 6.03 -3.51 -24.07
N ASP A 32 6.45 -2.42 -24.66
CA ASP A 32 6.68 -2.36 -26.12
C ASP A 32 8.11 -2.64 -26.55
N GLY A 33 8.97 -2.99 -25.64
CA GLY A 33 10.28 -3.38 -26.01
C GLY A 33 11.18 -2.19 -26.27
N SER A 34 10.80 -0.96 -25.92
CA SER A 34 11.65 0.27 -26.18
C SER A 34 11.77 1.12 -25.04
N SER A 35 12.94 1.72 -24.83
CA SER A 35 13.12 2.71 -23.81
C SER A 35 12.86 4.13 -24.32
N THR A 36 12.21 4.27 -25.51
CA THR A 36 11.84 5.56 -26.02
C THR A 36 10.45 5.95 -25.68
N THR A 37 9.72 5.10 -24.95
CA THR A 37 8.30 5.29 -24.58
C THR A 37 8.18 4.76 -23.14
N ARG A 38 7.24 5.31 -22.40
CA ARG A 38 7.03 4.86 -21.00
C ARG A 38 5.59 4.99 -20.58
N TRP A 39 5.18 4.07 -19.70
CA TRP A 39 4.02 4.35 -18.85
C TRP A 39 4.40 5.41 -17.86
N ALA A 40 3.47 6.31 -17.56
CA ALA A 40 3.63 7.24 -16.41
C ALA A 40 2.25 7.31 -15.76
N SER A 41 2.18 7.21 -14.47
CA SER A 41 0.90 7.29 -13.73
C SER A 41 0.52 8.75 -13.56
N ALA A 42 -0.70 8.94 -12.99
CA ALA A 42 -0.98 10.24 -12.44
C ALA A 42 0.00 10.63 -11.42
N GLU A 43 0.25 11.90 -11.21
CA GLU A 43 1.24 12.35 -10.29
CA GLU A 43 1.22 12.36 -10.26
C GLU A 43 0.64 12.72 -8.93
N GLY A 44 1.46 12.68 -7.91
CA GLY A 44 1.06 13.17 -6.60
C GLY A 44 0.25 12.25 -5.71
N VAL A 45 0.05 10.99 -6.06
CA VAL A 45 -0.88 10.14 -5.41
C VAL A 45 -0.35 8.75 -5.30
N ASP A 46 -0.34 8.22 -4.07
CA ASP A 46 0.05 6.85 -3.76
C ASP A 46 -1.15 6.04 -3.38
N PRO A 47 -1.25 4.78 -3.67
CA PRO A 47 -0.29 4.00 -4.48
C PRO A 47 -0.59 4.12 -5.93
N GLN A 48 0.26 3.57 -6.78
CA GLN A 48 0.01 3.33 -8.18
C GLN A 48 0.47 1.97 -8.57
N TRP A 49 0.01 1.40 -9.62
CA TRP A 49 0.35 0.00 -10.04
C TRP A 49 0.22 -0.16 -11.50
N ILE A 50 0.88 -1.19 -12.03
CA ILE A 50 0.74 -1.59 -13.39
C ILE A 50 0.88 -3.07 -13.46
N TYR A 51 0.07 -3.77 -14.22
CA TYR A 51 0.24 -5.18 -14.44
C TYR A 51 0.14 -5.51 -15.89
N VAL A 52 0.67 -6.66 -16.27
CA VAL A 52 0.62 -7.26 -17.61
C VAL A 52 -0.12 -8.55 -17.55
N ASN A 53 -0.94 -8.81 -18.61
CA ASN A 53 -1.61 -10.08 -18.86
C ASN A 53 -0.75 -10.85 -19.79
N LEU A 54 -0.09 -11.88 -19.34
CA LEU A 54 0.73 -12.70 -20.19
C LEU A 54 0.00 -13.53 -21.26
N GLY A 55 -1.31 -13.52 -21.18
CA GLY A 55 -2.16 -14.17 -22.24
C GLY A 55 -2.66 -15.52 -21.76
N SER A 56 -1.95 -16.16 -20.89
CA SER A 56 -2.15 -17.54 -20.43
C SER A 56 -1.32 -17.72 -19.19
N SER A 57 -1.56 -18.78 -18.47
CA SER A 57 -0.69 -19.12 -17.34
C SER A 57 0.73 -19.46 -17.79
N GLN A 58 1.77 -18.85 -17.19
CA GLN A 58 3.16 -19.02 -17.61
CA GLN A 58 3.12 -19.14 -17.59
C GLN A 58 4.00 -19.26 -16.37
N THR A 59 5.14 -19.97 -16.50
CA THR A 59 6.11 -20.01 -15.49
C THR A 59 6.85 -18.69 -15.48
N VAL A 60 6.98 -18.09 -14.35
CA VAL A 60 7.71 -16.86 -14.22
CA VAL A 60 7.58 -16.78 -14.13
C VAL A 60 8.62 -16.91 -13.01
N ASN A 61 9.87 -16.39 -13.15
CA ASN A 61 10.80 -16.31 -12.06
C ASN A 61 11.57 -15.04 -11.99
N ARG A 62 11.32 -14.04 -12.88
CA ARG A 62 12.17 -12.86 -12.91
C ARG A 62 11.40 -11.68 -13.49
N VAL A 63 11.63 -10.50 -12.95
CA VAL A 63 11.07 -9.27 -13.51
CA VAL A 63 11.08 -9.33 -13.55
C VAL A 63 12.17 -8.27 -13.58
N LYS A 64 12.28 -7.59 -14.74
CA LYS A 64 13.21 -6.45 -14.89
C LYS A 64 12.43 -5.18 -15.12
N LEU A 65 12.72 -4.17 -14.35
CA LEU A 65 12.13 -2.82 -14.44
C LEU A 65 13.15 -1.80 -14.90
N ASN A 66 12.87 -1.01 -15.90
CA ASN A 66 13.71 0.11 -16.27
CA ASN A 66 13.70 0.09 -16.31
C ASN A 66 12.96 1.38 -15.98
N TRP A 67 13.25 1.95 -14.83
CA TRP A 67 12.58 3.16 -14.37
C TRP A 67 12.92 4.40 -15.04
N GLU A 68 11.96 5.30 -15.24
CA GLU A 68 12.26 6.66 -15.52
C GLU A 68 12.64 7.36 -14.16
N ALA A 69 12.96 8.66 -14.26
CA ALA A 69 13.36 9.39 -13.05
C ALA A 69 12.35 9.18 -11.96
N ALA A 70 11.06 9.11 -12.29
CA ALA A 70 10.00 9.01 -11.30
C ALA A 70 9.86 7.57 -10.83
N TYR A 71 10.81 7.10 -10.03
CA TYR A 71 10.83 5.73 -9.60
C TYR A 71 10.07 5.47 -8.27
N ALA A 72 9.82 4.19 -7.95
CA ALA A 72 9.22 3.85 -6.67
C ALA A 72 10.31 3.45 -5.71
N SER A 73 10.37 4.04 -4.52
CA SER A 73 11.24 3.58 -3.49
C SER A 73 10.62 2.48 -2.64
N SER A 74 9.28 2.44 -2.54
CA SER A 74 8.64 1.30 -1.96
C SER A 74 7.79 0.65 -3.00
N TYR A 75 7.98 -0.59 -3.31
CA TYR A 75 7.07 -1.34 -4.24
C TYR A 75 7.18 -2.76 -3.98
N THR A 76 6.21 -3.50 -4.48
CA THR A 76 6.25 -4.96 -4.53
CA THR A 76 6.22 -4.94 -4.47
C THR A 76 6.10 -5.43 -5.95
N ILE A 77 6.55 -6.62 -6.18
CA ILE A 77 6.24 -7.41 -7.38
CA ILE A 77 6.24 -7.37 -7.39
C ILE A 77 5.28 -8.47 -6.97
N GLN A 78 4.17 -8.60 -7.67
CA GLN A 78 3.11 -9.56 -7.30
C GLN A 78 2.67 -10.35 -8.48
N VAL A 79 2.19 -11.56 -8.27
CA VAL A 79 1.72 -12.42 -9.35
C VAL A 79 0.31 -12.91 -9.00
N SER A 80 -0.40 -13.21 -10.07
CA SER A 80 -1.75 -13.82 -9.94
CA SER A 80 -1.78 -13.80 -10.04
C SER A 80 -1.93 -14.87 -11.05
N ASN A 81 -2.52 -16.04 -10.65
CA ASN A 81 -2.92 -17.02 -11.61
C ASN A 81 -4.46 -17.12 -11.68
N ASP A 82 -5.16 -16.05 -11.37
CA ASP A 82 -6.61 -15.99 -11.70
C ASP A 82 -6.72 -15.96 -13.21
N SER A 83 -7.86 -16.51 -13.70
CA SER A 83 -8.12 -16.47 -15.12
C SER A 83 -8.77 -15.15 -15.59
N GLY A 84 -9.70 -14.64 -14.79
CA GLY A 84 -10.32 -13.38 -15.07
C GLY A 84 -9.61 -12.19 -14.53
N THR A 85 -10.26 -11.09 -14.25
CA THR A 85 -9.60 -9.90 -13.70
C THR A 85 -8.87 -10.31 -12.42
N PRO A 86 -7.58 -9.97 -12.27
CA PRO A 86 -6.89 -10.52 -11.10
C PRO A 86 -7.21 -9.82 -9.82
N THR A 87 -7.57 -10.60 -8.83
CA THR A 87 -7.89 -10.12 -7.50
C THR A 87 -7.06 -10.86 -6.39
N ASN A 88 -6.56 -12.05 -6.71
CA ASN A 88 -5.77 -12.83 -5.76
C ASN A 88 -4.30 -12.71 -6.23
N TRP A 89 -3.55 -12.01 -5.40
CA TRP A 89 -2.16 -11.60 -5.67
C TRP A 89 -1.26 -12.18 -4.58
N THR A 90 -0.10 -12.73 -4.98
CA THR A 90 0.96 -13.12 -4.06
C THR A 90 2.16 -12.25 -4.33
N THR A 91 2.66 -11.61 -3.26
CA THR A 91 3.90 -10.87 -3.35
C THR A 91 5.10 -11.73 -3.45
N VAL A 92 5.94 -11.50 -4.40
CA VAL A 92 7.22 -12.24 -4.57
C VAL A 92 8.43 -11.41 -4.27
N TYR A 93 8.28 -10.13 -4.11
CA TYR A 93 9.41 -9.28 -3.84
C TYR A 93 8.90 -8.01 -3.16
N THR A 94 9.51 -7.51 -2.16
CA THR A 94 9.20 -6.29 -1.52
C THR A 94 10.44 -5.40 -1.32
N THR A 95 10.44 -4.10 -1.57
CA THR A 95 11.50 -3.23 -1.12
C THR A 95 10.92 -1.99 -0.59
N THR A 96 11.63 -1.35 0.36
CA THR A 96 11.39 -0.01 0.77
C THR A 96 12.57 0.90 0.52
N THR A 97 13.53 0.42 -0.21
CA THR A 97 14.78 1.14 -0.51
C THR A 97 15.08 1.15 -1.96
N GLY A 98 14.04 1.18 -2.82
CA GLY A 98 14.28 1.19 -4.26
C GLY A 98 15.05 2.47 -4.60
N ASP A 99 15.83 2.34 -5.65
CA ASP A 99 16.76 3.37 -6.05
C ASP A 99 16.61 3.73 -7.50
N GLY A 100 15.60 3.27 -8.23
CA GLY A 100 15.38 3.60 -9.59
C GLY A 100 16.36 2.93 -10.54
N GLY A 101 16.50 3.54 -11.67
CA GLY A 101 17.32 2.97 -12.72
C GLY A 101 16.85 1.65 -13.17
N ILE A 102 17.73 0.66 -13.28
CA ILE A 102 17.29 -0.72 -13.56
C ILE A 102 17.15 -1.45 -12.28
N ASP A 103 16.05 -2.17 -12.07
CA ASP A 103 15.82 -3.11 -10.98
C ASP A 103 15.65 -4.42 -11.62
N ASP A 104 16.31 -5.47 -11.24
CA ASP A 104 16.17 -6.80 -11.89
C ASP A 104 16.06 -7.81 -10.77
N ILE A 105 14.98 -8.52 -10.66
CA ILE A 105 14.61 -9.34 -9.52
C ILE A 105 14.29 -10.71 -9.93
N THR A 106 14.93 -11.71 -9.27
CA THR A 106 14.67 -13.12 -9.50
C THR A 106 14.03 -13.75 -8.22
N PHE A 107 13.10 -14.60 -8.40
CA PHE A 107 12.34 -15.23 -7.31
C PHE A 107 12.09 -16.69 -7.62
N THR A 108 11.67 -17.46 -6.65
CA THR A 108 11.35 -18.85 -6.90
C THR A 108 10.21 -18.96 -7.87
N ALA A 109 10.24 -19.88 -8.75
CA ALA A 109 9.31 -19.87 -9.86
C ALA A 109 7.83 -20.02 -9.44
N ARG A 110 6.98 -19.31 -10.11
CA ARG A 110 5.51 -19.33 -9.90
CA ARG A 110 5.53 -19.14 -9.91
C ARG A 110 4.85 -19.48 -11.21
N THR A 111 3.59 -19.90 -11.22
CA THR A 111 2.76 -19.87 -12.43
CA THR A 111 2.76 -19.87 -12.40
C THR A 111 1.86 -18.63 -12.30
N ALA A 112 1.91 -17.80 -13.32
CA ALA A 112 1.11 -16.54 -13.31
C ALA A 112 0.60 -16.23 -14.69
N LYS A 113 -0.61 -15.69 -14.70
CA LYS A 113 -1.16 -15.04 -15.87
C LYS A 113 -0.92 -13.54 -15.79
N TYR A 114 -0.85 -12.97 -14.63
CA TYR A 114 -0.65 -11.54 -14.44
C TYR A 114 0.51 -11.23 -13.54
N VAL A 115 1.27 -10.19 -13.86
CA VAL A 115 2.43 -9.82 -13.06
C VAL A 115 2.32 -8.30 -12.81
N ARG A 116 2.37 -7.87 -11.58
CA ARG A 116 2.13 -6.51 -11.18
C ARG A 116 3.31 -5.89 -10.46
N MSE A 117 3.56 -4.66 -10.75
CA MSE A 117 4.41 -3.77 -9.91
C MSE A 117 3.46 -2.88 -9.17
O MSE A 117 2.65 -2.14 -9.81
CB MSE A 117 5.30 -2.94 -10.78
CG MSE A 117 6.39 -2.15 -10.05
SE MSE A 117 5.70 -0.63 -8.93
CE MSE A 117 4.83 0.43 -10.29
N HIS A 118 3.36 -2.99 -7.84
CA HIS A 118 2.50 -2.18 -6.99
C HIS A 118 3.38 -1.26 -6.16
N GLY A 119 3.24 -0.01 -6.33
CA GLY A 119 4.09 0.95 -5.72
C GLY A 119 3.40 1.77 -4.68
N THR A 120 4.00 2.00 -3.52
CA THR A 120 3.43 2.74 -2.42
C THR A 120 4.16 3.98 -1.99
N VAL A 121 5.43 4.12 -2.26
CA VAL A 121 6.21 5.30 -1.93
C VAL A 121 7.04 5.69 -3.19
N ARG A 122 6.96 6.94 -3.58
CA ARG A 122 7.72 7.47 -4.62
C ARG A 122 9.05 8.04 -4.21
N GLY A 123 10.02 7.90 -5.10
CA GLY A 123 11.33 8.51 -4.90
C GLY A 123 11.38 9.97 -5.27
N THR A 124 10.37 10.50 -5.92
CA THR A 124 10.28 11.89 -6.36
C THR A 124 8.90 12.40 -5.96
N PRO A 125 8.66 13.73 -6.19
CA PRO A 125 7.30 14.27 -5.93
C PRO A 125 6.37 14.13 -7.04
N TYR A 126 6.71 13.32 -8.06
CA TYR A 126 5.91 13.27 -9.30
C TYR A 126 5.03 12.04 -9.23
N GLY A 127 5.04 11.15 -10.27
CA GLY A 127 4.26 9.93 -10.24
C GLY A 127 5.23 8.69 -10.17
N TYR A 128 4.80 7.66 -10.89
CA TYR A 128 5.50 6.42 -11.08
C TYR A 128 5.66 6.23 -12.57
N SER A 129 6.86 5.91 -13.07
CA SER A 129 7.00 5.78 -14.53
C SER A 129 8.09 4.78 -14.91
N LEU A 130 7.73 3.90 -15.85
CA LEU A 130 8.52 2.80 -16.34
C LEU A 130 8.70 2.88 -17.83
N TRP A 131 9.95 2.90 -18.33
CA TRP A 131 10.25 2.67 -19.70
C TRP A 131 9.89 1.29 -20.16
N GLU A 132 10.32 0.32 -19.34
CA GLU A 132 10.25 -1.03 -19.69
C GLU A 132 9.94 -1.91 -18.46
N PHE A 133 9.13 -2.94 -18.64
CA PHE A 133 8.81 -3.96 -17.60
C PHE A 133 8.83 -5.28 -18.32
N GLU A 134 9.80 -6.10 -17.98
CA GLU A 134 10.00 -7.41 -18.66
C GLU A 134 9.73 -8.50 -17.65
N VAL A 135 9.31 -9.64 -18.14
CA VAL A 135 9.01 -10.80 -17.33
C VAL A 135 9.63 -12.03 -17.96
N TYR A 136 10.32 -12.83 -17.15
CA TYR A 136 11.01 -14.02 -17.62
C TYR A 136 10.66 -15.22 -16.79
N GLY A 137 10.88 -16.42 -17.33
N GLY A 137 10.83 -16.39 -17.43
CA GLY A 137 10.67 -17.68 -16.60
CA GLY A 137 10.60 -17.68 -16.84
C GLY A 137 11.79 -18.66 -16.81
C GLY A 137 11.47 -18.66 -17.57
N HIS B 5 -1.37 17.72 30.49
CA HIS B 5 -1.40 16.33 31.03
C HIS B 5 -1.09 15.23 29.99
N HIS B 6 -1.07 15.53 28.69
CA HIS B 6 -0.70 14.47 27.73
C HIS B 6 -1.65 13.23 27.75
N HIS B 7 -2.94 13.51 27.66
CA HIS B 7 -3.96 12.47 27.64
C HIS B 7 -4.17 12.02 26.19
N ASN B 8 -5.00 10.98 26.09
CA ASN B 8 -5.32 10.31 24.82
C ASN B 8 -6.24 11.25 24.07
N LEU B 9 -5.76 11.86 23.01
CA LEU B 9 -6.50 12.86 22.30
C LEU B 9 -7.57 12.20 21.50
N ALA B 10 -7.49 10.84 21.36
CA ALA B 10 -8.39 10.17 20.43
C ALA B 10 -9.69 9.63 21.04
N LEU B 11 -9.79 9.71 22.35
CA LEU B 11 -10.95 9.07 23.02
C LEU B 11 -12.32 9.67 22.56
N ASN B 12 -13.17 8.78 22.12
CA ASN B 12 -14.52 9.14 21.78
C ASN B 12 -14.67 10.10 20.55
N LYS B 13 -13.62 10.24 19.70
CA LYS B 13 -13.66 11.11 18.59
C LYS B 13 -14.29 10.31 17.40
N THR B 14 -14.80 11.04 16.43
CA THR B 14 -15.34 10.43 15.19
C THR B 14 -14.25 9.61 14.43
N ALA B 15 -14.57 8.32 14.21
CA ALA B 15 -13.59 7.36 13.63
C ALA B 15 -14.28 6.73 12.47
N THR B 16 -13.52 6.34 11.46
CA THR B 16 -14.09 5.55 10.39
C THR B 16 -13.00 4.64 9.81
N ALA B 17 -13.45 3.63 9.09
CA ALA B 17 -12.54 2.57 8.61
C ALA B 17 -12.86 2.23 7.21
N SER B 18 -11.96 1.61 6.51
CA SER B 18 -12.21 1.13 5.17
C SER B 18 -13.35 0.08 5.14
N SER B 19 -13.43 -0.80 6.09
CA SER B 19 -14.47 -1.83 6.21
C SER B 19 -14.56 -2.20 7.68
N ILE B 20 -15.60 -3.02 7.97
CA ILE B 20 -15.75 -3.70 9.27
C ILE B 20 -16.20 -5.16 9.04
N GLU B 21 -15.89 -6.03 9.98
CA GLU B 21 -16.22 -7.49 9.92
C GLU B 21 -17.74 -7.66 9.94
N GLY B 22 -18.42 -6.84 10.72
CA GLY B 22 -19.89 -6.92 10.94
C GLY B 22 -20.26 -6.00 12.08
N ALA B 23 -21.57 -5.93 12.42
CA ALA B 23 -22.02 -5.23 13.58
C ALA B 23 -21.33 -5.67 14.83
N GLY B 24 -20.96 -4.67 15.61
CA GLY B 24 -20.24 -4.84 16.79
C GLY B 24 -18.73 -4.72 16.64
N PHE B 25 -18.28 -4.48 15.40
CA PHE B 25 -16.82 -4.32 15.09
C PHE B 25 -16.54 -2.97 14.48
N GLU B 26 -17.36 -1.97 14.75
CA GLU B 26 -17.23 -0.64 14.19
C GLU B 26 -15.94 0.06 14.60
N ALA B 27 -15.57 0.96 13.69
CA ALA B 27 -14.36 1.79 13.86
C ALA B 27 -14.27 2.47 15.24
N SER B 28 -15.45 2.92 15.72
CA SER B 28 -15.56 3.55 17.10
C SER B 28 -15.10 2.70 18.23
N ARG B 29 -15.08 1.41 18.09
CA ARG B 29 -14.76 0.52 19.12
C ARG B 29 -13.28 0.56 19.39
N ALA B 30 -12.43 1.03 18.42
CA ALA B 30 -11.02 1.14 18.77
C ALA B 30 -10.82 2.42 19.63
N PHE B 31 -11.80 3.33 19.64
CA PHE B 31 -11.68 4.70 20.27
C PHE B 31 -12.55 4.88 21.47
N ASP B 32 -12.92 3.78 22.11
CA ASP B 32 -13.87 3.99 23.18
CA ASP B 32 -13.86 3.73 23.22
C ASP B 32 -13.30 3.70 24.56
N GLY B 33 -11.99 3.52 24.71
CA GLY B 33 -11.32 3.51 25.96
C GLY B 33 -11.29 2.13 26.55
N SER B 34 -11.87 1.17 25.84
CA SER B 34 -11.93 -0.14 26.44
C SER B 34 -11.46 -1.16 25.47
N SER B 35 -10.70 -2.08 25.96
CA SER B 35 -10.35 -3.34 25.21
C SER B 35 -11.16 -4.61 25.34
N THR B 36 -12.41 -4.33 25.71
CA THR B 36 -13.36 -5.43 25.69
C THR B 36 -14.16 -5.28 24.47
N THR B 37 -13.72 -4.36 23.59
CA THR B 37 -14.33 -4.12 22.31
C THR B 37 -13.23 -3.78 21.28
N ARG B 38 -13.45 -4.16 20.03
CA ARG B 38 -12.49 -3.90 18.94
C ARG B 38 -13.10 -3.54 17.69
N TRP B 39 -12.35 -2.72 16.92
CA TRP B 39 -12.60 -2.68 15.48
C TRP B 39 -11.91 -3.95 14.86
N ALA B 40 -12.71 -4.50 13.91
CA ALA B 40 -12.18 -5.56 13.01
C ALA B 40 -12.62 -5.21 11.61
N SER B 41 -11.68 -5.19 10.67
CA SER B 41 -12.05 -5.02 9.24
C SER B 41 -12.71 -6.26 8.65
N ALA B 42 -13.12 -6.13 7.42
CA ALA B 42 -13.43 -7.35 6.57
C ALA B 42 -12.20 -8.13 6.44
N GLU B 43 -12.38 -9.48 6.30
CA GLU B 43 -11.32 -10.40 6.26
C GLU B 43 -10.81 -10.71 4.87
N GLY B 44 -9.59 -11.12 4.78
CA GLY B 44 -9.00 -11.58 3.51
C GLY B 44 -8.72 -10.59 2.41
N VAL B 45 -8.63 -9.28 2.74
CA VAL B 45 -8.50 -8.19 1.73
C VAL B 45 -7.58 -7.12 2.23
N ASP B 46 -6.51 -6.87 1.43
CA ASP B 46 -5.56 -5.76 1.69
C ASP B 46 -5.76 -4.65 0.72
N PRO B 47 -5.52 -3.45 1.05
CA PRO B 47 -5.17 -2.93 2.40
C PRO B 47 -6.44 -2.74 3.20
N GLN B 48 -6.31 -2.33 4.48
CA GLN B 48 -7.45 -1.84 5.27
C GLN B 48 -6.88 -0.68 6.11
N TRP B 49 -7.72 0.16 6.57
CA TRP B 49 -7.30 1.36 7.33
C TRP B 49 -8.38 1.80 8.29
N ILE B 50 -7.96 2.58 9.30
CA ILE B 50 -8.83 3.17 10.26
C ILE B 50 -8.25 4.52 10.66
N TYR B 51 -9.08 5.54 10.71
CA TYR B 51 -8.59 6.87 11.18
C TYR B 51 -9.54 7.51 12.12
N VAL B 52 -8.98 8.41 12.93
CA VAL B 52 -9.72 9.16 13.96
C VAL B 52 -9.55 10.62 13.64
N ASN B 53 -10.73 11.34 13.76
CA ASN B 53 -10.77 12.82 13.68
CA ASN B 53 -10.86 12.77 13.71
C ASN B 53 -10.63 13.36 15.10
N LEU B 54 -9.49 14.02 15.33
CA LEU B 54 -9.17 14.62 16.69
C LEU B 54 -10.15 15.77 17.15
N GLY B 55 -10.98 16.22 16.22
CA GLY B 55 -11.84 17.43 16.41
C GLY B 55 -11.27 18.71 15.88
N SER B 56 -9.95 18.83 15.91
CA SER B 56 -9.24 20.08 15.66
C SER B 56 -7.78 19.75 15.43
N SER B 57 -6.99 20.69 14.87
CA SER B 57 -5.56 20.53 14.78
C SER B 57 -4.83 20.40 16.12
N GLN B 58 -4.17 19.27 16.37
CA GLN B 58 -3.46 19.02 17.64
C GLN B 58 -2.07 18.65 17.36
N THR B 59 -1.20 18.87 18.36
CA THR B 59 0.10 18.38 18.39
C THR B 59 0.01 16.89 18.67
N VAL B 60 0.69 16.12 17.84
CA VAL B 60 0.74 14.64 18.06
C VAL B 60 2.13 14.13 17.95
N ASN B 61 2.54 13.22 18.80
CA ASN B 61 3.85 12.68 18.68
C ASN B 61 3.90 11.22 19.02
N ARG B 62 2.78 10.51 19.31
CA ARG B 62 2.84 9.17 19.74
C ARG B 62 1.48 8.53 19.47
N VAL B 63 1.54 7.27 19.05
CA VAL B 63 0.33 6.45 18.84
C VAL B 63 0.55 5.15 19.53
N LYS B 64 -0.44 4.70 20.26
CA LYS B 64 -0.43 3.39 20.88
C LYS B 64 -1.53 2.51 20.31
N LEU B 65 -1.11 1.37 19.78
CA LEU B 65 -2.01 0.40 19.18
C LEU B 65 -2.07 -0.88 20.05
N ASN B 66 -3.24 -1.27 20.41
CA ASN B 66 -3.39 -2.55 21.07
C ASN B 66 -4.03 -3.53 20.09
N TRP B 67 -3.17 -4.32 19.43
CA TRP B 67 -3.67 -5.23 18.36
C TRP B 67 -4.40 -6.44 18.94
N GLU B 68 -5.41 -6.88 18.30
CA GLU B 68 -5.86 -8.24 18.49
C GLU B 68 -5.03 -9.17 17.67
N ALA B 69 -5.19 -10.51 17.86
CA ALA B 69 -4.43 -11.54 17.16
C ALA B 69 -4.21 -11.25 15.62
N ALA B 70 -5.26 -10.64 15.08
CA ALA B 70 -5.24 -10.25 13.63
C ALA B 70 -4.53 -8.93 13.42
N TYR B 71 -3.26 -8.96 13.55
CA TYR B 71 -2.54 -7.75 13.48
C TYR B 71 -1.96 -7.48 12.09
N ALA B 72 -1.42 -6.28 11.86
CA ALA B 72 -0.81 -5.93 10.57
C ALA B 72 0.69 -6.12 10.74
N SER B 73 1.33 -6.85 9.87
CA SER B 73 2.76 -6.90 9.84
C SER B 73 3.37 -5.82 8.97
N SER B 74 2.71 -5.28 7.94
CA SER B 74 3.07 -4.07 7.31
C SER B 74 2.02 -3.03 7.52
N TYR B 75 2.38 -1.94 8.08
CA TYR B 75 1.42 -0.78 8.26
C TYR B 75 2.15 0.51 8.39
N THR B 76 1.52 1.58 8.16
CA THR B 76 1.97 2.87 8.47
C THR B 76 1.04 3.59 9.42
N ILE B 77 1.62 4.57 10.09
CA ILE B 77 0.83 5.58 10.84
CA ILE B 77 0.84 5.55 10.84
C ILE B 77 0.94 6.85 10.02
N GLN B 78 -0.15 7.47 9.73
CA GLN B 78 -0.17 8.68 8.91
CA GLN B 78 -0.13 8.64 8.91
C GLN B 78 -0.98 9.73 9.59
N VAL B 79 -0.63 11.01 9.29
CA VAL B 79 -1.40 12.06 9.82
C VAL B 79 -1.79 13.01 8.70
N SER B 80 -2.86 13.68 8.96
CA SER B 80 -3.39 14.75 8.04
C SER B 80 -3.92 15.96 8.85
N ASN B 81 -3.33 17.09 8.35
N ASN B 81 -3.99 17.17 8.28
CA ASN B 81 -3.71 18.41 8.82
CA ASN B 81 -4.58 18.38 8.97
C ASN B 81 -4.43 19.15 7.74
C ASN B 81 -5.55 19.03 8.03
N ASP B 82 -5.02 18.43 6.75
N ASP B 82 -6.09 18.21 7.12
CA ASP B 82 -6.15 18.97 5.91
CA ASP B 82 -7.16 18.62 6.30
C ASP B 82 -7.23 19.48 6.82
C ASP B 82 -8.20 19.07 7.29
N SER B 83 -7.95 20.54 6.37
N SER B 83 -8.67 20.27 7.01
CA SER B 83 -9.11 21.08 7.12
CA SER B 83 -9.71 20.88 7.77
C SER B 83 -10.39 20.29 6.77
C SER B 83 -10.97 20.09 7.44
N GLY B 84 -10.54 19.93 5.47
N GLY B 84 -11.04 19.72 6.16
CA GLY B 84 -11.64 19.09 5.02
CA GLY B 84 -12.13 18.93 5.59
C GLY B 84 -11.36 17.59 5.23
C GLY B 84 -11.90 17.42 5.60
N THR B 85 -12.05 16.76 4.45
CA THR B 85 -11.79 15.31 4.34
C THR B 85 -10.28 15.11 4.02
N PRO B 86 -9.58 14.19 4.75
CA PRO B 86 -8.15 14.06 4.58
C PRO B 86 -7.80 13.31 3.31
N THR B 87 -7.04 13.97 2.43
CA THR B 87 -6.34 13.35 1.27
C THR B 87 -4.84 13.49 1.22
N ASN B 88 -4.27 14.45 1.95
CA ASN B 88 -2.86 14.63 2.03
C ASN B 88 -2.47 14.06 3.35
N TRP B 89 -1.79 12.96 3.23
CA TRP B 89 -1.47 12.21 4.38
C TRP B 89 0.02 12.21 4.38
N THR B 90 0.56 12.37 5.57
CA THR B 90 1.88 12.25 5.71
C THR B 90 2.25 11.03 6.58
N THR B 91 3.14 10.19 6.14
CA THR B 91 3.65 9.03 6.90
C THR B 91 4.65 9.27 8.01
N VAL B 92 4.31 8.94 9.22
CA VAL B 92 5.20 9.21 10.35
C VAL B 92 5.86 8.01 10.86
N TYR B 93 5.41 6.81 10.50
CA TYR B 93 6.01 5.59 10.93
C TYR B 93 5.68 4.51 9.90
N THR B 94 6.61 3.68 9.58
CA THR B 94 6.39 2.54 8.70
C THR B 94 6.99 1.31 9.31
N THR B 95 6.36 0.13 9.28
CA THR B 95 6.96 -1.12 9.56
C THR B 95 6.61 -2.09 8.45
N THR B 96 7.48 -3.03 8.17
CA THR B 96 7.13 -4.25 7.42
C THR B 96 7.43 -5.42 8.26
N THR B 97 7.59 -5.23 9.60
CA THR B 97 8.00 -6.26 10.53
C THR B 97 7.14 -6.21 11.81
N GLY B 98 5.88 -5.77 11.68
CA GLY B 98 4.98 -5.68 12.82
C GLY B 98 4.85 -7.06 13.33
N ASP B 99 4.58 -7.15 14.62
CA ASP B 99 4.44 -8.46 15.24
C ASP B 99 3.34 -8.47 16.23
N GLY B 100 2.49 -7.44 16.16
CA GLY B 100 1.39 -7.44 16.90
C GLY B 100 1.48 -7.05 18.43
N GLY B 101 0.52 -7.42 19.23
CA GLY B 101 0.46 -7.08 20.68
C GLY B 101 0.15 -5.59 20.87
N ILE B 102 1.12 -4.95 21.56
CA ILE B 102 1.10 -3.51 21.71
C ILE B 102 2.25 -2.91 20.96
N ASP B 103 1.84 -1.95 20.06
CA ASP B 103 2.81 -1.16 19.46
C ASP B 103 2.68 0.23 20.03
N ASP B 104 3.77 0.78 20.54
CA ASP B 104 3.79 2.16 21.11
C ASP B 104 4.83 2.96 20.36
N ILE B 105 4.34 3.84 19.49
CA ILE B 105 5.20 4.47 18.51
C ILE B 105 5.30 5.96 18.77
N THR B 106 6.55 6.41 18.98
CA THR B 106 6.83 7.84 19.13
C THR B 106 7.50 8.40 17.88
N PHE B 107 7.12 9.56 17.46
CA PHE B 107 7.67 10.12 16.21
C PHE B 107 7.78 11.62 16.41
N THR B 108 8.49 12.30 15.53
CA THR B 108 8.73 13.70 15.69
C THR B 108 7.43 14.42 15.59
N ALA B 109 7.18 15.40 16.46
CA ALA B 109 5.86 15.98 16.55
C ALA B 109 5.32 16.67 15.32
N ARG B 110 4.03 16.55 15.12
CA ARG B 110 3.31 17.13 13.98
C ARG B 110 1.97 17.73 14.42
N THR B 111 1.32 18.56 13.63
CA THR B 111 0.01 18.97 13.86
CA THR B 111 -0.03 18.98 13.87
C THR B 111 -0.99 18.18 13.00
N ALA B 112 -1.97 17.62 13.60
CA ALA B 112 -2.81 16.68 12.86
C ALA B 112 -4.09 16.87 13.35
N LYS B 113 -4.97 16.81 12.38
CA LYS B 113 -6.37 16.70 12.71
CA LYS B 113 -6.35 16.72 12.63
C LYS B 113 -6.90 15.26 12.62
N TYR B 114 -6.32 14.45 11.73
CA TYR B 114 -6.66 13.01 11.57
C TYR B 114 -5.45 12.18 11.68
N VAL B 115 -5.62 11.00 12.31
CA VAL B 115 -4.50 10.06 12.49
C VAL B 115 -5.00 8.67 11.99
N ARG B 116 -4.25 8.07 11.10
CA ARG B 116 -4.68 6.86 10.42
C ARG B 116 -3.65 5.75 10.61
N MSE B 117 -4.15 4.56 10.84
CA MSE B 117 -3.38 3.28 10.69
C MSE B 117 -3.72 2.73 9.37
O MSE B 117 -4.93 2.47 9.12
CB MSE B 117 -3.72 2.31 11.84
CG MSE B 117 -2.80 1.11 11.92
SE MSE B 117 -3.00 -0.18 10.42
CE MSE B 117 -4.87 -0.64 10.59
N HIS B 118 -2.78 2.68 8.43
CA HIS B 118 -3.02 2.10 7.11
C HIS B 118 -2.23 0.82 6.98
N GLY B 119 -2.90 -0.29 6.84
CA GLY B 119 -2.29 -1.59 6.84
C GLY B 119 -2.29 -2.24 5.49
N THR B 120 -1.15 -2.83 5.07
CA THR B 120 -1.00 -3.50 3.78
C THR B 120 -0.69 -4.94 3.79
N VAL B 121 -0.14 -5.45 4.88
CA VAL B 121 0.10 -6.89 4.98
C VAL B 121 -0.37 -7.33 6.31
N ARG B 122 -1.18 -8.37 6.33
CA ARG B 122 -1.64 -9.00 7.55
C ARG B 122 -0.71 -10.05 8.08
N GLY B 123 -0.61 -10.09 9.40
CA GLY B 123 0.07 -11.15 10.09
C GLY B 123 -0.68 -12.46 10.19
N THR B 124 -1.95 -12.52 9.88
CA THR B 124 -2.69 -13.77 9.93
C THR B 124 -3.48 -13.82 8.61
N PRO B 125 -4.28 -14.89 8.39
CA PRO B 125 -5.14 -14.96 7.24
C PRO B 125 -6.49 -14.30 7.34
N TYR B 126 -6.75 -13.51 8.41
CA TYR B 126 -7.99 -13.00 8.71
C TYR B 126 -8.03 -11.56 8.25
N GLY B 127 -8.42 -10.64 9.11
CA GLY B 127 -8.41 -9.22 8.75
C GLY B 127 -7.41 -8.41 9.55
N TYR B 128 -7.82 -7.17 9.86
CA TYR B 128 -7.07 -6.26 10.69
C TYR B 128 -7.99 -5.90 11.89
N SER B 129 -7.42 -6.02 13.10
CA SER B 129 -8.28 -5.67 14.24
CA SER B 129 -8.16 -5.79 14.32
C SER B 129 -7.42 -5.15 15.47
N LEU B 130 -8.08 -4.07 15.99
CA LEU B 130 -7.60 -3.26 17.06
C LEU B 130 -8.64 -3.14 18.20
N TRP B 131 -8.07 -3.48 19.41
CA TRP B 131 -8.80 -3.25 20.68
C TRP B 131 -8.92 -1.74 20.96
N GLU B 132 -7.79 -1.09 20.76
CA GLU B 132 -7.61 0.27 21.16
C GLU B 132 -6.56 0.93 20.19
N PHE B 133 -6.82 2.20 19.94
CA PHE B 133 -5.96 3.12 19.11
C PHE B 133 -5.97 4.42 19.90
N GLU B 134 -4.84 4.78 20.44
CA GLU B 134 -4.74 6.05 21.26
C GLU B 134 -3.67 6.93 20.64
N VAL B 135 -3.85 8.23 20.85
CA VAL B 135 -3.02 9.24 20.26
C VAL B 135 -2.59 10.27 21.31
N TYR B 136 -1.28 10.58 21.40
CA TYR B 136 -0.82 11.50 22.36
C TYR B 136 0.04 12.58 21.74
N GLY B 137 0.19 13.68 22.49
N GLY B 137 0.27 13.77 22.38
CA GLY B 137 0.82 14.89 22.07
CA GLY B 137 1.30 14.72 21.91
C GLY B 137 1.87 15.21 23.11
C GLY B 137 1.40 15.87 22.87
#